data_8RSU
#
_entry.id   8RSU
#
_cell.length_a   61.070
_cell.length_b   194.031
_cell.length_c   93.534
_cell.angle_alpha   90.000
_cell.angle_beta   90.000
_cell.angle_gamma   90.000
#
_symmetry.space_group_name_H-M   'C 2 2 21'
#
loop_
_entity.id
_entity.type
_entity.pdbx_description
1 polymer Rap3T
2 polymer 'Pheromone RRGHTA'
3 non-polymer 'Glycerol ethoxylate'
4 water water
#
loop_
_entity_poly.entity_id
_entity_poly.type
_entity_poly.pdbx_seq_one_letter_code
_entity_poly.pdbx_strand_id
1 'polypeptide(L)'
;MLEQMISSSKVGVKINEWYKYIRLFSVPDSEILKAEVEEEIRHMKEDHDLLLYYSLMCFRHQLMLDYLEPKTLNEERPKI
SDLLEKIESSQTDLKGILEYYFNFFRGMYEFEQYEYLNAISFYKQAERKLSLVADEIERAEFHYKVAEIYYHMKQTHMSM
HHIVQAIDSYKAHENYTVRVIQCSFVIGLNYLDMDYPEKAIPHFKNALDKAREIDMSRLIGSSLYNLGLCSFAEEAYEKA
SEYFKEGIRVYQDNGYEHSNRILDILLMLTKTTFKMRNHSEGISWCAHGLSLSKNLNDEIMAKMFEFIHALYVDNDNEKL
NSILNYLELKSMLSDVEDLASDAAKYYNEKEDHKVAVAYYEKVLYARKQIQRGDCLYET
;
A
2 'polypeptide(L)' RRGHTA B
#
loop_
_chem_comp.id
_chem_comp.type
_chem_comp.name
_chem_comp.formula
A1H22 non-polymer 'Glycerol ethoxylate' 'C39 H80 O21'
#
# COMPACT_ATOMS: atom_id res chain seq x y z
N SER A 7 -24.12 -30.66 -8.47
CA SER A 7 -23.85 -29.73 -7.39
C SER A 7 -22.47 -29.08 -7.54
N SER A 8 -21.95 -29.07 -8.77
CA SER A 8 -20.66 -28.46 -9.04
C SER A 8 -20.79 -26.97 -9.33
N SER A 9 -21.82 -26.56 -10.07
CA SER A 9 -22.12 -25.14 -10.23
C SER A 9 -22.56 -24.53 -8.91
N LYS A 10 -23.21 -25.33 -8.07
CA LYS A 10 -23.65 -24.84 -6.77
C LYS A 10 -22.48 -24.36 -5.92
N VAL A 11 -21.31 -24.99 -6.08
CA VAL A 11 -20.13 -24.51 -5.36
C VAL A 11 -19.56 -23.27 -6.05
N GLY A 12 -19.57 -23.24 -7.38
CA GLY A 12 -19.08 -22.07 -8.08
C GLY A 12 -19.88 -20.83 -7.76
N VAL A 13 -21.20 -20.98 -7.68
CA VAL A 13 -22.04 -19.85 -7.32
C VAL A 13 -21.70 -19.36 -5.91
N LYS A 14 -21.52 -20.28 -4.97
CA LYS A 14 -21.18 -19.89 -3.60
C LYS A 14 -19.82 -19.23 -3.52
N ILE A 15 -18.84 -19.66 -4.33
CA ILE A 15 -17.54 -19.01 -4.28
C ILE A 15 -17.64 -17.59 -4.83
N ASN A 16 -18.47 -17.39 -5.86
CA ASN A 16 -18.75 -16.04 -6.33
C ASN A 16 -19.34 -15.19 -5.22
N GLU A 17 -20.41 -15.67 -4.58
CA GLU A 17 -20.98 -14.96 -3.44
C GLU A 17 -19.90 -14.67 -2.39
N TRP A 18 -19.05 -15.64 -2.12
CA TRP A 18 -17.97 -15.44 -1.16
C TRP A 18 -17.12 -14.24 -1.54
N TYR A 19 -16.77 -14.11 -2.83
CA TYR A 19 -15.93 -13.00 -3.27
C TYR A 19 -16.69 -11.68 -3.18
N LYS A 20 -17.99 -11.70 -3.47
CA LYS A 20 -18.84 -10.52 -3.30
C LYS A 20 -18.73 -9.96 -1.89
N TYR A 21 -18.79 -10.84 -0.89
CA TYR A 21 -18.74 -10.40 0.50
C TYR A 21 -17.32 -9.95 0.90
N ILE A 22 -16.30 -10.56 0.32
CA ILE A 22 -14.93 -10.13 0.60
C ILE A 22 -14.73 -8.70 0.16
N ARG A 23 -15.21 -8.37 -1.04
CA ARG A 23 -15.08 -7.01 -1.55
C ARG A 23 -15.89 -6.03 -0.70
N LEU A 24 -17.00 -6.48 -0.12
CA LEU A 24 -17.81 -5.66 0.76
C LEU A 24 -17.28 -5.59 2.19
N PHE A 25 -16.15 -6.24 2.47
CA PHE A 25 -15.58 -6.28 3.83
C PHE A 25 -16.61 -6.72 4.88
N SER A 26 -17.54 -7.59 4.51
CA SER A 26 -18.44 -8.19 5.49
C SER A 26 -17.82 -9.49 5.96
N VAL A 27 -17.01 -9.41 7.02
CA VAL A 27 -16.38 -10.63 7.54
C VAL A 27 -17.41 -11.67 7.98
N PRO A 28 -18.48 -11.31 8.70
CA PRO A 28 -19.43 -12.36 9.11
C PRO A 28 -19.99 -13.14 7.93
N ASP A 29 -20.34 -12.44 6.83
CA ASP A 29 -20.86 -13.16 5.67
C ASP A 29 -19.75 -13.98 5.01
N SER A 30 -18.54 -13.44 4.96
CA SER A 30 -17.42 -14.16 4.35
C SER A 30 -17.14 -15.45 5.10
N GLU A 31 -17.30 -15.42 6.42
CA GLU A 31 -17.06 -16.65 7.22
C GLU A 31 -18.22 -17.61 6.97
N ILE A 32 -19.42 -17.11 6.75
CA ILE A 32 -20.57 -17.96 6.45
C ILE A 32 -20.40 -18.64 5.11
N LEU A 33 -19.94 -17.88 4.11
CA LEU A 33 -19.80 -18.46 2.78
C LEU A 33 -18.64 -19.46 2.74
N LYS A 34 -17.50 -19.09 3.33
CA LYS A 34 -16.36 -20.00 3.43
C LYS A 34 -16.77 -21.32 4.09
N ALA A 35 -17.58 -21.26 5.15
CA ALA A 35 -18.07 -22.48 5.79
C ALA A 35 -18.92 -23.29 4.83
N GLU A 36 -19.88 -22.65 4.16
CA GLU A 36 -20.75 -23.38 3.24
C GLU A 36 -19.95 -24.00 2.11
N VAL A 37 -18.95 -23.28 1.61
CA VAL A 37 -18.13 -23.81 0.51
C VAL A 37 -17.37 -25.04 0.98
N GLU A 38 -16.73 -24.95 2.15
CA GLU A 38 -15.97 -26.08 2.66
C GLU A 38 -16.85 -27.29 2.96
N GLU A 39 -18.09 -27.07 3.40
CA GLU A 39 -19.01 -28.19 3.53
C GLU A 39 -19.36 -28.78 2.18
N GLU A 40 -19.41 -27.94 1.15
CA GLU A 40 -19.86 -28.40 -0.15
C GLU A 40 -18.76 -29.16 -0.89
N ILE A 41 -17.51 -28.71 -0.72
CA ILE A 41 -16.39 -29.36 -1.38
C ILE A 41 -16.23 -30.79 -0.89
N ARG A 42 -16.66 -31.06 0.35
CA ARG A 42 -16.54 -32.42 0.87
C ARG A 42 -17.27 -33.43 -0.01
N HIS A 43 -18.46 -33.07 -0.51
CA HIS A 43 -19.31 -34.03 -1.23
C HIS A 43 -19.31 -33.82 -2.74
N MET A 44 -18.38 -33.01 -3.26
CA MET A 44 -18.20 -32.84 -4.69
C MET A 44 -17.12 -33.79 -5.20
N LYS A 45 -16.97 -33.82 -6.52
CA LYS A 45 -16.14 -34.74 -7.29
C LYS A 45 -14.91 -34.10 -7.94
N GLU A 46 -14.12 -33.37 -7.17
CA GLU A 46 -12.72 -33.12 -7.50
C GLU A 46 -12.51 -32.41 -8.84
N ASP A 47 -13.36 -31.43 -9.15
CA ASP A 47 -13.02 -30.53 -10.25
C ASP A 47 -11.78 -29.75 -9.84
N HIS A 48 -10.67 -29.96 -10.58
CA HIS A 48 -9.41 -29.34 -10.17
C HIS A 48 -9.46 -27.83 -10.31
N ASP A 49 -10.22 -27.32 -11.26
CA ASP A 49 -10.39 -25.88 -11.39
C ASP A 49 -11.22 -25.34 -10.25
N LEU A 50 -12.38 -25.96 -9.99
CA LEU A 50 -13.15 -25.59 -8.80
C LEU A 50 -12.31 -25.65 -7.55
N LEU A 51 -11.42 -26.63 -7.43
CA LEU A 51 -10.53 -26.69 -6.29
C LEU A 51 -9.59 -25.50 -6.27
N LEU A 52 -9.10 -25.07 -7.44
CA LEU A 52 -8.21 -23.92 -7.49
C LEU A 52 -8.98 -22.63 -7.25
N TYR A 53 -10.18 -22.50 -7.82
CA TYR A 53 -11.03 -21.36 -7.49
C TYR A 53 -11.19 -21.25 -5.97
N TYR A 54 -11.40 -22.39 -5.31
CA TYR A 54 -11.52 -22.41 -3.86
C TYR A 54 -10.24 -21.92 -3.19
N SER A 55 -9.09 -22.43 -3.63
CA SER A 55 -7.82 -22.03 -3.03
C SER A 55 -7.53 -20.55 -3.25
N LEU A 56 -7.93 -20.01 -4.41
CA LEU A 56 -7.72 -18.59 -4.67
C LEU A 56 -8.61 -17.74 -3.78
N MET A 57 -9.86 -18.17 -3.58
CA MET A 57 -10.76 -17.43 -2.71
C MET A 57 -10.31 -17.49 -1.26
N CYS A 58 -9.85 -18.66 -0.78
CA CYS A 58 -9.22 -18.73 0.55
C CYS A 58 -8.12 -17.71 0.68
N PHE A 59 -7.23 -17.67 -0.30
CA PHE A 59 -6.14 -16.70 -0.30
C PHE A 59 -6.68 -15.27 -0.25
N ARG A 60 -7.63 -14.94 -1.13
CA ARG A 60 -8.19 -13.59 -1.13
CA ARG A 60 -8.19 -13.58 -1.13
C ARG A 60 -8.90 -13.27 0.19
N HIS A 61 -9.61 -14.26 0.74
CA HIS A 61 -10.24 -14.10 2.05
C HIS A 61 -9.19 -13.81 3.13
N GLN A 62 -8.05 -14.49 3.06
CA GLN A 62 -7.00 -14.29 4.04
C GLN A 62 -6.42 -12.88 3.91
N LEU A 63 -6.20 -12.41 2.67
CA LEU A 63 -5.76 -11.03 2.48
C LEU A 63 -6.73 -10.02 3.10
N MET A 64 -8.04 -10.25 2.99
CA MET A 64 -8.98 -9.38 3.69
C MET A 64 -8.74 -9.41 5.19
N LEU A 65 -8.70 -10.62 5.77
CA LEU A 65 -8.54 -10.76 7.22
C LEU A 65 -7.25 -10.10 7.72
N ASP A 66 -6.17 -10.25 6.95
CA ASP A 66 -4.88 -9.69 7.35
C ASP A 66 -4.88 -8.18 7.25
N TYR A 67 -5.65 -7.61 6.34
CA TYR A 67 -5.84 -6.16 6.34
C TYR A 67 -6.56 -5.72 7.61
N LEU A 68 -7.61 -6.45 7.99
CA LEU A 68 -8.42 -6.01 9.13
C LEU A 68 -7.78 -6.37 10.48
N GLU A 69 -7.00 -7.47 10.55
CA GLU A 69 -6.28 -7.83 11.77
C GLU A 69 -4.89 -8.33 11.40
N PRO A 70 -3.81 -7.64 11.82
CA PRO A 70 -2.48 -8.22 11.62
C PRO A 70 -1.96 -8.95 12.86
N ARG A 77 5.44 -19.40 9.73
CA ARG A 77 4.64 -20.02 8.65
C ARG A 77 3.23 -19.51 8.69
N PRO A 78 2.92 -18.32 8.10
CA PRO A 78 1.58 -17.75 8.24
C PRO A 78 0.59 -18.54 7.37
N LYS A 79 -0.70 -18.40 7.67
CA LYS A 79 -1.71 -19.10 6.89
C LYS A 79 -1.54 -18.75 5.41
N ILE A 80 -0.90 -17.61 5.13
CA ILE A 80 -0.83 -17.05 3.79
C ILE A 80 0.20 -17.78 2.94
N SER A 81 1.42 -17.97 3.47
CA SER A 81 2.44 -18.69 2.70
C SER A 81 2.08 -20.15 2.53
N ASP A 82 1.34 -20.73 3.48
CA ASP A 82 0.84 -22.08 3.26
C ASP A 82 -0.22 -22.09 2.17
N LEU A 83 -1.12 -21.09 2.16
CA LEU A 83 -2.16 -21.00 1.15
C LEU A 83 -1.57 -20.70 -0.23
N LEU A 84 -0.56 -19.82 -0.27
CA LEU A 84 0.10 -19.50 -1.53
C LEU A 84 0.79 -20.73 -2.11
N GLU A 85 1.29 -21.61 -1.24
CA GLU A 85 1.84 -22.89 -1.68
C GLU A 85 0.83 -23.67 -2.51
N LYS A 86 -0.37 -23.86 -1.97
CA LYS A 86 -1.41 -24.63 -2.66
C LYS A 86 -1.76 -24.04 -4.01
N ILE A 87 -1.62 -22.73 -4.16
CA ILE A 87 -2.04 -22.04 -5.38
C ILE A 87 -1.05 -22.30 -6.53
N GLU A 88 0.25 -22.21 -6.26
CA GLU A 88 1.21 -22.35 -7.36
C GLU A 88 1.47 -23.79 -7.78
N SER A 89 1.12 -24.78 -6.95
CA SER A 89 1.31 -26.16 -7.39
C SER A 89 0.32 -26.55 -8.48
N SER A 90 -0.77 -25.79 -8.63
CA SER A 90 -1.81 -26.06 -9.62
C SER A 90 -1.98 -24.91 -10.60
N GLN A 91 -0.90 -24.45 -11.21
CA GLN A 91 -0.97 -23.40 -12.24
C GLN A 91 -0.79 -23.98 -13.64
N THR A 92 -1.60 -24.99 -13.91
CA THR A 92 -1.46 -25.80 -15.11
C THR A 92 -2.75 -25.71 -15.93
N ASP A 93 -2.58 -25.35 -17.22
CA ASP A 93 -3.69 -25.26 -18.17
C ASP A 93 -4.77 -24.27 -17.72
N LEU A 94 -4.36 -23.05 -17.40
CA LEU A 94 -5.33 -22.05 -16.99
C LEU A 94 -6.02 -21.41 -18.19
N LYS A 95 -7.27 -21.03 -17.99
CA LYS A 95 -8.04 -20.33 -19.01
C LYS A 95 -9.10 -19.50 -18.32
N GLY A 96 -9.76 -18.64 -19.11
CA GLY A 96 -10.92 -17.88 -18.72
C GLY A 96 -10.72 -17.06 -17.47
N ILE A 97 -11.82 -16.79 -16.76
CA ILE A 97 -11.80 -15.87 -15.64
C ILE A 97 -10.95 -16.44 -14.48
N LEU A 98 -10.82 -17.76 -14.39
CA LEU A 98 -9.98 -18.34 -13.36
C LEU A 98 -8.52 -17.89 -13.53
N GLU A 99 -8.02 -17.93 -14.77
CA GLU A 99 -6.68 -17.40 -15.02
C GLU A 99 -6.59 -15.92 -14.64
N TYR A 100 -7.63 -15.14 -14.94
CA TYR A 100 -7.61 -13.74 -14.50
C TYR A 100 -7.47 -13.66 -12.99
N TYR A 101 -8.36 -14.34 -12.26
CA TYR A 101 -8.27 -14.33 -10.79
C TYR A 101 -6.89 -14.76 -10.33
N PHE A 102 -6.33 -15.80 -10.94
CA PHE A 102 -5.04 -16.30 -10.53
C PHE A 102 -3.98 -15.20 -10.56
N ASN A 103 -3.92 -14.46 -11.67
CA ASN A 103 -2.87 -13.46 -11.84
C ASN A 103 -3.14 -12.22 -11.00
N PHE A 104 -4.38 -11.75 -10.99
CA PHE A 104 -4.77 -10.64 -10.14
C PHE A 104 -4.40 -10.90 -8.69
N PHE A 105 -4.88 -12.02 -8.12
CA PHE A 105 -4.57 -12.33 -6.73
C PHE A 105 -3.07 -12.49 -6.51
N ARG A 106 -2.38 -13.14 -7.45
CA ARG A 106 -0.93 -13.29 -7.31
C ARG A 106 -0.24 -11.92 -7.29
N GLY A 107 -0.67 -11.01 -8.18
CA GLY A 107 -0.11 -9.67 -8.17
C GLY A 107 -0.37 -8.93 -6.87
N MET A 108 -1.57 -9.12 -6.30
CA MET A 108 -1.84 -8.55 -4.99
C MET A 108 -0.83 -9.03 -3.97
N TYR A 109 -0.67 -10.35 -3.85
CA TYR A 109 0.27 -10.90 -2.89
C TYR A 109 1.65 -10.27 -3.06
N GLU A 110 2.15 -10.27 -4.30
CA GLU A 110 3.49 -9.77 -4.55
C GLU A 110 3.61 -8.32 -4.13
N PHE A 111 2.55 -7.54 -4.27
CA PHE A 111 2.60 -6.13 -3.87
C PHE A 111 2.79 -5.99 -2.36
N GLU A 112 2.08 -6.80 -1.58
CA GLU A 112 2.24 -6.78 -0.12
C GLU A 112 3.63 -7.21 0.33
N GLN A 113 4.38 -7.89 -0.52
CA GLN A 113 5.74 -8.33 -0.21
C GLN A 113 6.79 -7.35 -0.71
N TYR A 114 6.38 -6.15 -1.16
CA TYR A 114 7.28 -5.16 -1.73
C TYR A 114 7.93 -5.63 -3.03
N GLU A 115 7.35 -6.63 -3.69
CA GLU A 115 7.84 -7.12 -4.98
C GLU A 115 7.05 -6.41 -6.08
N TYR A 116 7.47 -5.18 -6.38
CA TYR A 116 6.68 -4.32 -7.25
C TYR A 116 6.71 -4.81 -8.69
N LEU A 117 7.89 -5.12 -9.22
CA LEU A 117 8.00 -5.65 -10.57
C LEU A 117 7.16 -6.92 -10.74
N ASN A 118 7.34 -7.90 -9.85
CA ASN A 118 6.51 -9.10 -9.92
C ASN A 118 5.03 -8.75 -9.97
N ALA A 119 4.60 -7.81 -9.12
CA ALA A 119 3.18 -7.49 -9.02
C ALA A 119 2.68 -6.83 -10.29
N ILE A 120 3.42 -5.86 -10.81
CA ILE A 120 3.04 -5.25 -12.07
C ILE A 120 2.99 -6.30 -13.18
N SER A 121 3.96 -7.22 -13.21
CA SER A 121 3.92 -8.31 -14.17
C SER A 121 2.60 -9.09 -14.05
N PHE A 122 2.26 -9.52 -12.83
CA PHE A 122 1.01 -10.25 -12.67
C PHE A 122 -0.18 -9.37 -13.04
N TYR A 123 -0.18 -8.12 -12.62
CA TYR A 123 -1.32 -7.26 -12.94
C TYR A 123 -1.48 -7.08 -14.45
N LYS A 124 -0.35 -6.97 -15.17
CA LYS A 124 -0.46 -6.79 -16.63
C LYS A 124 -1.07 -8.04 -17.28
N GLN A 125 -0.72 -9.22 -16.78
CA GLN A 125 -1.34 -10.44 -17.29
C GLN A 125 -2.84 -10.44 -17.04
N ALA A 126 -3.26 -10.09 -15.83
CA ALA A 126 -4.69 -10.03 -15.53
C ALA A 126 -5.40 -9.03 -16.44
N GLU A 127 -4.76 -7.89 -16.67
CA GLU A 127 -5.38 -6.81 -17.46
C GLU A 127 -5.77 -7.29 -18.84
N ARG A 128 -4.95 -8.15 -19.45
CA ARG A 128 -5.26 -8.71 -20.76
C ARG A 128 -6.62 -9.41 -20.80
N LYS A 129 -7.09 -9.90 -19.65
CA LYS A 129 -8.32 -10.68 -19.59
C LYS A 129 -9.50 -9.84 -19.14
N LEU A 130 -9.33 -8.52 -19.08
CA LEU A 130 -10.34 -7.68 -18.48
C LEU A 130 -11.67 -7.79 -19.20
N SER A 131 -11.66 -8.05 -20.51
CA SER A 131 -12.91 -8.17 -21.24
C SER A 131 -13.75 -9.38 -20.81
N LEU A 132 -13.17 -10.33 -20.10
CA LEU A 132 -13.95 -11.44 -19.54
C LEU A 132 -14.66 -11.08 -18.26
N VAL A 133 -14.40 -9.91 -17.71
CA VAL A 133 -14.86 -9.56 -16.39
C VAL A 133 -16.14 -8.77 -16.55
N ALA A 134 -17.28 -9.45 -16.39
CA ALA A 134 -18.56 -8.77 -16.57
C ALA A 134 -18.84 -7.83 -15.41
N ASP A 135 -18.53 -8.26 -14.19
CA ASP A 135 -18.85 -7.49 -13.00
C ASP A 135 -18.08 -6.17 -12.99
N GLU A 136 -18.82 -5.06 -12.98
CA GLU A 136 -18.19 -3.75 -12.92
C GLU A 136 -17.42 -3.57 -11.62
N ILE A 137 -18.00 -4.02 -10.51
CA ILE A 137 -17.33 -3.93 -9.22
C ILE A 137 -16.02 -4.72 -9.25
N GLU A 138 -16.00 -5.84 -9.97
CA GLU A 138 -14.74 -6.57 -10.09
C GLU A 138 -13.72 -5.79 -10.91
N ARG A 139 -14.16 -5.18 -12.01
CA ARG A 139 -13.25 -4.34 -12.76
C ARG A 139 -12.73 -3.18 -11.92
N ALA A 140 -13.57 -2.62 -11.06
CA ALA A 140 -13.14 -1.53 -10.20
C ALA A 140 -12.03 -2.00 -9.24
N GLU A 141 -12.22 -3.15 -8.61
CA GLU A 141 -11.14 -3.75 -7.81
C GLU A 141 -9.84 -3.74 -8.60
N PHE A 142 -9.86 -4.30 -9.81
CA PHE A 142 -8.65 -4.29 -10.63
C PHE A 142 -8.11 -2.88 -10.84
N HIS A 143 -8.96 -1.94 -11.22
CA HIS A 143 -8.45 -0.61 -11.54
C HIS A 143 -7.85 0.05 -10.31
N TYR A 144 -8.50 -0.13 -9.16
CA TYR A 144 -7.97 0.44 -7.94
C TYR A 144 -6.61 -0.15 -7.60
N LYS A 145 -6.50 -1.48 -7.57
CA LYS A 145 -5.22 -2.14 -7.26
C LYS A 145 -4.14 -1.76 -8.26
N VAL A 146 -4.48 -1.64 -9.55
CA VAL A 146 -3.50 -1.21 -10.54
C VAL A 146 -3.11 0.23 -10.32
N ALA A 147 -4.10 1.11 -10.13
CA ALA A 147 -3.81 2.51 -9.81
C ALA A 147 -2.87 2.62 -8.61
N GLU A 148 -3.12 1.80 -7.59
CA GLU A 148 -2.35 1.85 -6.36
C GLU A 148 -0.87 1.60 -6.63
N ILE A 149 -0.57 0.53 -7.37
CA ILE A 149 0.83 0.23 -7.61
C ILE A 149 1.46 1.26 -8.52
N TYR A 150 0.67 1.86 -9.44
CA TYR A 150 1.23 2.91 -10.28
C TYR A 150 1.58 4.15 -9.45
N TYR A 151 0.76 4.45 -8.44
CA TYR A 151 1.09 5.54 -7.54
C TYR A 151 2.38 5.25 -6.79
N HIS A 152 2.52 4.04 -6.25
CA HIS A 152 3.73 3.69 -5.52
C HIS A 152 4.96 3.77 -6.43
N MET A 153 4.79 3.54 -7.74
CA MET A 153 5.87 3.75 -8.70
C MET A 153 5.93 5.17 -9.26
N LYS A 154 5.14 6.08 -8.69
CA LYS A 154 5.10 7.47 -9.13
C LYS A 154 4.73 7.60 -10.61
N GLN A 155 4.01 6.61 -11.12
CA GLN A 155 3.43 6.68 -12.47
C GLN A 155 2.09 7.39 -12.36
N THR A 156 2.20 8.70 -12.16
CA THR A 156 1.06 9.52 -11.74
C THR A 156 -0.07 9.50 -12.75
N HIS A 157 0.25 9.63 -14.04
CA HIS A 157 -0.81 9.74 -15.04
C HIS A 157 -1.48 8.38 -15.23
N MET A 158 -0.68 7.31 -15.26
CA MET A 158 -1.26 5.98 -15.30
C MET A 158 -2.12 5.71 -14.05
N SER A 159 -1.63 6.13 -12.88
CA SER A 159 -2.40 5.93 -11.67
C SER A 159 -3.73 6.66 -11.75
N MET A 160 -3.69 7.94 -12.12
CA MET A 160 -4.91 8.73 -12.25
C MET A 160 -5.87 8.10 -13.25
N HIS A 161 -5.34 7.59 -14.37
CA HIS A 161 -6.15 6.92 -15.37
C HIS A 161 -6.94 5.78 -14.75
N HIS A 162 -6.30 4.93 -13.97
CA HIS A 162 -7.04 3.80 -13.45
C HIS A 162 -7.93 4.20 -12.30
N ILE A 163 -7.49 5.12 -11.44
CA ILE A 163 -8.23 5.38 -10.22
C ILE A 163 -9.57 6.04 -10.52
N VAL A 164 -9.65 6.84 -11.59
CA VAL A 164 -10.95 7.44 -11.92
C VAL A 164 -11.95 6.37 -12.30
N GLN A 165 -11.51 5.36 -13.05
CA GLN A 165 -12.39 4.27 -13.42
C GLN A 165 -12.91 3.54 -12.19
N ALA A 166 -12.04 3.26 -11.23
CA ALA A 166 -12.50 2.50 -10.08
C ALA A 166 -13.49 3.31 -9.27
N ILE A 167 -13.14 4.53 -8.89
CA ILE A 167 -13.96 5.25 -7.92
C ILE A 167 -15.31 5.61 -8.53
N ASP A 168 -15.39 5.70 -9.86
CA ASP A 168 -16.68 5.92 -10.49
C ASP A 168 -17.59 4.71 -10.30
N SER A 169 -17.05 3.50 -10.51
CA SER A 169 -17.85 2.31 -10.28
C SER A 169 -18.22 2.15 -8.80
N TYR A 170 -17.26 2.39 -7.90
CA TYR A 170 -17.57 2.26 -6.47
C TYR A 170 -18.66 3.25 -6.05
N LYS A 171 -18.52 4.51 -6.45
CA LYS A 171 -19.51 5.52 -6.06
C LYS A 171 -20.87 5.25 -6.70
N ALA A 172 -20.92 4.46 -7.78
CA ALA A 172 -22.19 4.06 -8.38
C ALA A 172 -22.94 3.01 -7.55
N HIS A 173 -22.25 2.29 -6.68
CA HIS A 173 -22.87 1.32 -5.78
C HIS A 173 -22.91 1.95 -4.39
N GLU A 174 -23.28 1.16 -3.39
CA GLU A 174 -23.51 1.79 -2.07
C GLU A 174 -22.53 1.36 -0.98
N ASN A 175 -22.44 0.08 -0.67
CA ASN A 175 -21.65 -0.27 0.50
C ASN A 175 -20.20 -0.57 0.16
N TYR A 176 -19.60 0.23 -0.69
CA TYR A 176 -18.18 0.08 -1.01
C TYR A 176 -17.38 1.23 -0.42
N THR A 177 -17.86 1.73 0.71
CA THR A 177 -17.24 2.87 1.38
C THR A 177 -15.75 2.67 1.57
N VAL A 178 -15.37 1.49 2.07
CA VAL A 178 -13.95 1.25 2.33
C VAL A 178 -13.13 1.51 1.06
N ARG A 179 -13.53 0.88 -0.04
CA ARG A 179 -12.81 1.11 -1.31
C ARG A 179 -12.92 2.56 -1.75
N VAL A 180 -14.01 3.25 -1.41
CA VAL A 180 -14.13 4.63 -1.86
C VAL A 180 -13.13 5.50 -1.13
N ILE A 181 -13.00 5.31 0.19
CA ILE A 181 -11.94 5.96 0.97
C ILE A 181 -10.58 5.71 0.35
N GLN A 182 -10.25 4.45 0.09
CA GLN A 182 -8.94 4.12 -0.44
C GLN A 182 -8.72 4.77 -1.80
N CYS A 183 -9.77 4.85 -2.62
CA CYS A 183 -9.63 5.56 -3.90
C CYS A 183 -9.38 7.05 -3.66
N SER A 184 -10.03 7.63 -2.64
CA SER A 184 -9.76 9.01 -2.29
C SER A 184 -8.32 9.20 -1.86
N PHE A 185 -7.77 8.22 -1.13
CA PHE A 185 -6.34 8.24 -0.84
C PHE A 185 -5.54 8.34 -2.12
N VAL A 186 -5.82 7.45 -3.09
CA VAL A 186 -4.96 7.40 -4.26
C VAL A 186 -5.03 8.71 -5.04
N ILE A 187 -6.25 9.21 -5.28
CA ILE A 187 -6.38 10.45 -6.02
C ILE A 187 -5.65 11.58 -5.30
N GLY A 188 -5.95 11.77 -4.02
CA GLY A 188 -5.27 12.78 -3.24
C GLY A 188 -3.77 12.65 -3.33
N LEU A 189 -3.25 11.44 -3.11
CA LEU A 189 -1.81 11.25 -3.13
C LEU A 189 -1.23 11.52 -4.52
N ASN A 190 -2.01 11.32 -5.57
CA ASN A 190 -1.53 11.69 -6.90
C ASN A 190 -1.40 13.21 -7.02
N TYR A 191 -2.41 13.94 -6.55
CA TYR A 191 -2.34 15.40 -6.59
C TYR A 191 -1.14 15.91 -5.80
N LEU A 192 -0.81 15.24 -4.70
CA LEU A 192 0.38 15.61 -3.94
C LEU A 192 1.64 15.44 -4.77
N ASP A 193 1.77 14.29 -5.45
CA ASP A 193 2.92 14.06 -6.32
C ASP A 193 3.05 15.14 -7.38
N MET A 194 1.97 15.81 -7.73
CA MET A 194 2.02 16.91 -8.68
C MET A 194 2.15 18.26 -8.00
N ASP A 195 2.48 18.28 -6.69
CA ASP A 195 2.76 19.52 -5.94
C ASP A 195 1.50 20.36 -5.77
N TYR A 196 0.38 19.68 -5.55
CA TYR A 196 -0.90 20.34 -5.31
C TYR A 196 -1.42 19.96 -3.93
N PRO A 197 -0.68 20.22 -2.85
CA PRO A 197 -1.20 19.80 -1.53
C PRO A 197 -2.58 20.37 -1.26
N GLU A 198 -2.83 21.61 -1.68
CA GLU A 198 -4.15 22.21 -1.49
C GLU A 198 -5.24 21.52 -2.30
N LYS A 199 -4.89 20.90 -3.43
CA LYS A 199 -5.88 20.10 -4.15
C LYS A 199 -6.06 18.72 -3.52
N ALA A 200 -5.06 18.24 -2.78
CA ALA A 200 -5.09 16.92 -2.16
C ALA A 200 -5.82 16.90 -0.82
N ILE A 201 -5.75 17.98 -0.02
CA ILE A 201 -6.41 17.98 1.30
C ILE A 201 -7.90 17.66 1.21
N PRO A 202 -8.68 18.23 0.28
CA PRO A 202 -10.10 17.84 0.21
C PRO A 202 -10.35 16.35 0.18
N HIS A 203 -9.64 15.61 -0.66
CA HIS A 203 -9.89 14.17 -0.78
C HIS A 203 -9.55 13.44 0.51
N PHE A 204 -8.54 13.90 1.26
CA PHE A 204 -8.17 13.24 2.50
C PHE A 204 -9.13 13.58 3.65
N LYS A 205 -9.57 14.84 3.74
CA LYS A 205 -10.58 15.20 4.74
C LYS A 205 -11.90 14.50 4.45
N ASN A 206 -12.23 14.31 3.17
CA ASN A 206 -13.42 13.54 2.80
C ASN A 206 -13.28 12.10 3.26
N ALA A 207 -12.12 11.49 3.00
CA ALA A 207 -11.87 10.14 3.48
C ALA A 207 -11.91 10.07 5.00
N LEU A 208 -11.30 11.05 5.67
CA LEU A 208 -11.30 11.08 7.13
C LEU A 208 -12.71 11.10 7.69
N ASP A 209 -13.60 11.87 7.06
CA ASP A 209 -14.96 11.95 7.56
C ASP A 209 -15.68 10.61 7.39
N LYS A 210 -15.47 9.95 6.25
CA LYS A 210 -16.14 8.67 6.03
C LYS A 210 -15.58 7.57 6.94
N ALA A 211 -14.27 7.61 7.20
CA ALA A 211 -13.66 6.57 8.02
C ALA A 211 -14.10 6.67 9.47
N ARG A 212 -14.39 7.88 9.93
CA ARG A 212 -14.96 8.03 11.27
C ARG A 212 -16.40 7.53 11.33
N GLU A 213 -17.15 7.68 10.23
CA GLU A 213 -18.52 7.19 10.18
C GLU A 213 -18.57 5.68 10.41
N ILE A 214 -17.76 4.93 9.66
CA ILE A 214 -17.72 3.47 9.80
C ILE A 214 -16.77 3.01 10.91
N ASP A 215 -16.13 3.94 11.63
CA ASP A 215 -15.28 3.63 12.77
C ASP A 215 -14.16 2.64 12.42
N MET A 216 -13.52 2.84 11.27
CA MET A 216 -12.36 2.06 10.87
C MET A 216 -11.11 2.77 11.35
N SER A 217 -10.51 2.26 12.43
CA SER A 217 -9.35 2.93 13.03
C SER A 217 -8.21 3.06 12.02
N ARG A 218 -7.85 1.95 11.37
CA ARG A 218 -6.86 1.93 10.30
C ARG A 218 -7.05 3.06 9.29
N LEU A 219 -8.26 3.20 8.75
CA LEU A 219 -8.49 4.21 7.71
C LEU A 219 -8.43 5.62 8.27
N ILE A 220 -8.94 5.81 9.50
CA ILE A 220 -8.79 7.10 10.17
C ILE A 220 -7.33 7.50 10.25
N GLY A 221 -6.50 6.61 10.81
CA GLY A 221 -5.10 6.94 11.00
C GLY A 221 -4.34 7.13 9.70
N SER A 222 -4.71 6.39 8.66
CA SER A 222 -4.08 6.61 7.37
C SER A 222 -4.49 7.94 6.76
N SER A 223 -5.69 8.42 7.09
CA SER A 223 -6.07 9.75 6.62
C SER A 223 -5.22 10.83 7.27
N LEU A 224 -5.01 10.74 8.58
CA LEU A 224 -4.11 11.66 9.27
C LEU A 224 -2.72 11.61 8.66
N TYR A 225 -2.20 10.41 8.41
CA TYR A 225 -0.89 10.29 7.80
C TYR A 225 -0.85 11.01 6.46
N ASN A 226 -1.86 10.77 5.61
CA ASN A 226 -1.89 11.41 4.30
C ASN A 226 -2.07 12.93 4.42
N LEU A 227 -2.83 13.40 5.43
CA LEU A 227 -2.97 14.83 5.63
C LEU A 227 -1.67 15.45 6.15
N GLY A 228 -1.02 14.78 7.10
CA GLY A 228 0.28 15.23 7.54
C GLY A 228 1.30 15.33 6.41
N LEU A 229 1.21 14.44 5.42
CA LEU A 229 2.06 14.56 4.26
C LEU A 229 1.78 15.84 3.49
N CYS A 230 0.58 16.41 3.59
CA CYS A 230 0.32 17.70 2.96
C CYS A 230 0.97 18.83 3.73
N SER A 231 0.69 18.94 5.03
CA SER A 231 1.36 19.93 5.88
C SER A 231 2.86 19.89 5.69
N PHE A 232 3.44 18.69 5.74
CA PHE A 232 4.87 18.52 5.48
C PHE A 232 5.25 19.11 4.13
N ALA A 233 4.41 18.90 3.12
CA ALA A 233 4.66 19.45 1.80
C ALA A 233 4.58 20.98 1.82
N GLU A 234 3.60 21.52 2.55
CA GLU A 234 3.47 22.95 2.75
C GLU A 234 4.44 23.47 3.80
N GLU A 235 5.40 22.65 4.21
CA GLU A 235 6.40 23.02 5.20
C GLU A 235 5.76 23.52 6.49
N ALA A 236 4.58 22.98 6.81
CA ALA A 236 3.91 23.28 8.08
C ALA A 236 4.17 22.13 9.05
N TYR A 237 5.44 22.03 9.48
CA TYR A 237 5.87 20.84 10.19
C TYR A 237 5.21 20.69 11.53
N GLU A 238 4.90 21.81 12.19
CA GLU A 238 4.11 21.73 13.41
C GLU A 238 2.83 20.95 13.17
N LYS A 239 1.98 21.45 12.25
CA LYS A 239 0.74 20.74 11.94
C LYS A 239 1.03 19.33 11.45
N ALA A 240 2.09 19.17 10.64
CA ALA A 240 2.46 17.85 10.15
C ALA A 240 2.83 16.92 11.30
N SER A 241 3.67 17.41 12.23
CA SER A 241 4.05 16.61 13.38
C SER A 241 2.84 16.17 14.18
N GLU A 242 1.81 17.01 14.26
CA GLU A 242 0.59 16.62 14.96
C GLU A 242 -0.09 15.46 14.25
N TYR A 243 -0.55 15.68 13.02
CA TYR A 243 -1.20 14.64 12.22
C TYR A 243 -0.51 13.30 12.37
N PHE A 244 0.81 13.28 12.15
CA PHE A 244 1.57 12.04 12.31
C PHE A 244 1.40 11.47 13.71
N LYS A 245 1.57 12.30 14.74
CA LYS A 245 1.46 11.80 16.10
C LYS A 245 0.11 11.15 16.35
N GLU A 246 -0.97 11.85 16.01
CA GLU A 246 -2.29 11.30 16.32
C GLU A 246 -2.56 10.02 15.55
N GLY A 247 -2.23 10.00 14.25
CA GLY A 247 -2.40 8.78 13.48
C GLY A 247 -1.64 7.60 14.05
N ILE A 248 -0.49 7.85 14.67
CA ILE A 248 0.26 6.78 15.33
C ILE A 248 -0.51 6.25 16.53
N ARG A 249 -1.07 7.14 17.35
CA ARG A 249 -1.86 6.65 18.50
C ARG A 249 -3.18 6.00 18.04
N VAL A 250 -3.73 6.42 16.90
CA VAL A 250 -4.86 5.71 16.31
C VAL A 250 -4.51 4.24 16.07
N TYR A 251 -3.45 4.01 15.29
CA TYR A 251 -3.01 2.64 15.04
C TYR A 251 -2.71 1.89 16.33
N GLN A 252 -2.10 2.58 17.30
CA GLN A 252 -1.65 1.90 18.52
C GLN A 252 -2.82 1.58 19.45
N ASP A 253 -3.78 2.48 19.58
CA ASP A 253 -4.90 2.26 20.48
C ASP A 253 -5.97 1.34 19.90
N ASN A 254 -5.71 0.69 18.75
CA ASN A 254 -6.77 -0.10 18.12
C ASN A 254 -6.25 -1.37 17.44
N GLY A 255 -5.15 -1.93 17.94
CA GLY A 255 -4.66 -3.21 17.44
C GLY A 255 -3.89 -3.15 16.14
N TYR A 256 -3.41 -1.97 15.74
CA TYR A 256 -2.59 -1.85 14.56
C TYR A 256 -1.14 -1.48 14.88
N GLU A 257 -0.74 -1.66 16.14
CA GLU A 257 0.63 -1.30 16.54
C GLU A 257 1.67 -2.18 15.86
N HIS A 258 1.29 -3.30 15.27
CA HIS A 258 2.24 -4.16 14.58
C HIS A 258 1.99 -4.23 13.07
N SER A 259 1.18 -3.33 12.52
CA SER A 259 1.06 -3.26 11.07
C SER A 259 2.29 -2.57 10.48
N ASN A 260 2.87 -3.20 9.45
CA ASN A 260 4.01 -2.64 8.73
C ASN A 260 3.82 -1.17 8.39
N ARG A 261 2.60 -0.75 8.10
CA ARG A 261 2.42 0.56 7.53
C ARG A 261 2.51 1.68 8.55
N ILE A 262 2.48 1.35 9.84
CA ILE A 262 2.77 2.36 10.86
C ILE A 262 4.22 2.83 10.74
N LEU A 263 5.09 2.03 10.11
CA LEU A 263 6.46 2.48 9.90
C LEU A 263 6.49 3.72 9.03
N ASP A 264 5.59 3.80 8.04
CA ASP A 264 5.44 5.02 7.23
C ASP A 264 5.27 6.24 8.11
N ILE A 265 4.33 6.16 9.07
CA ILE A 265 4.03 7.31 9.91
C ILE A 265 5.20 7.63 10.83
N LEU A 266 5.81 6.59 11.42
CA LEU A 266 7.01 6.79 12.23
C LEU A 266 8.11 7.45 11.41
N LEU A 267 8.37 6.92 10.21
CA LEU A 267 9.45 7.44 9.38
C LEU A 267 9.28 8.92 9.11
N MET A 268 8.05 9.32 8.76
CA MET A 268 7.85 10.73 8.41
C MET A 268 7.83 11.62 9.64
N LEU A 269 7.39 11.09 10.78
CA LEU A 269 7.48 11.89 12.00
C LEU A 269 8.93 12.10 12.40
N THR A 270 9.74 11.05 12.29
CA THR A 270 11.16 11.18 12.59
C THR A 270 11.78 12.26 11.71
N LYS A 271 11.47 12.23 10.41
CA LYS A 271 11.94 13.26 9.49
C LYS A 271 11.46 14.64 9.91
N THR A 272 10.20 14.75 10.32
CA THR A 272 9.64 16.05 10.63
C THR A 272 10.23 16.63 11.91
N THR A 273 10.37 15.79 12.95
CA THR A 273 10.94 16.29 14.20
C THR A 273 12.39 16.74 14.00
N PHE A 274 13.13 16.06 13.13
CA PHE A 274 14.48 16.52 12.83
C PHE A 274 14.46 17.85 12.09
N LYS A 275 13.51 18.02 11.20
CA LYS A 275 13.42 19.28 10.46
C LYS A 275 12.97 20.42 11.37
N MET A 276 12.18 20.10 12.41
CA MET A 276 11.80 21.09 13.41
C MET A 276 12.98 21.47 14.31
N ARG A 277 14.16 20.89 14.10
CA ARG A 277 15.36 21.11 14.92
C ARG A 277 15.10 20.77 16.39
N ASN A 278 14.16 19.85 16.62
CA ASN A 278 14.03 19.16 17.90
C ASN A 278 14.86 17.88 17.79
N HIS A 279 16.18 18.06 17.90
CA HIS A 279 17.13 16.97 17.71
C HIS A 279 16.82 15.81 18.64
N SER A 280 16.68 16.08 19.93
CA SER A 280 16.56 15.01 20.91
C SER A 280 15.25 14.25 20.78
N GLU A 281 14.13 14.97 20.60
CA GLU A 281 12.88 14.29 20.30
C GLU A 281 13.03 13.49 19.01
N GLY A 282 13.76 14.03 18.03
CA GLY A 282 13.99 13.30 16.79
C GLY A 282 14.79 12.03 17.00
N ILE A 283 15.58 11.98 18.06
CA ILE A 283 16.29 10.73 18.29
C ILE A 283 15.36 9.70 18.92
N SER A 284 14.45 10.14 19.85
CA SER A 284 13.52 9.20 20.52
C SER A 284 12.37 8.77 19.60
N TRP A 285 12.45 9.11 18.31
CA TRP A 285 11.48 8.66 17.31
C TRP A 285 12.13 7.80 16.24
N CYS A 286 13.32 8.17 15.79
CA CYS A 286 14.03 7.26 14.85
C CYS A 286 14.30 5.97 15.62
N ALA A 287 14.36 6.08 16.95
CA ALA A 287 14.67 4.90 17.79
C ALA A 287 13.53 3.89 17.73
N HIS A 288 12.36 4.28 18.24
CA HIS A 288 11.18 3.40 18.21
C HIS A 288 11.01 2.84 16.80
N GLY A 289 11.35 3.62 15.78
CA GLY A 289 11.10 3.19 14.42
C GLY A 289 12.11 2.19 13.90
N LEU A 290 13.36 2.33 14.32
CA LEU A 290 14.39 1.37 13.92
C LEU A 290 14.10 0.01 14.53
N SER A 291 13.81 -0.03 15.82
CA SER A 291 13.55 -1.29 16.49
C SER A 291 12.25 -1.93 15.99
N LEU A 292 11.25 -1.12 15.66
CA LEU A 292 10.00 -1.70 15.16
C LEU A 292 10.20 -2.35 13.79
N SER A 293 10.97 -1.72 12.92
CA SER A 293 11.25 -2.34 11.63
C SER A 293 11.99 -3.64 11.80
N LYS A 294 12.98 -3.65 12.69
CA LYS A 294 13.64 -4.89 13.10
C LYS A 294 12.61 -5.93 13.54
N ASN A 295 11.77 -5.55 14.51
CA ASN A 295 10.80 -6.49 15.06
C ASN A 295 9.84 -7.05 14.00
N LEU A 296 9.24 -6.17 13.19
CA LEU A 296 8.31 -6.70 12.18
C LEU A 296 9.02 -7.28 10.96
N ASN A 297 10.34 -7.45 10.99
CA ASN A 297 11.05 -8.15 9.91
C ASN A 297 10.86 -7.46 8.55
N ASP A 298 10.86 -6.12 8.54
CA ASP A 298 10.75 -5.34 7.29
C ASP A 298 12.08 -4.68 6.97
N GLU A 299 12.85 -5.33 6.08
CA GLU A 299 14.16 -4.83 5.71
C GLU A 299 14.06 -3.46 5.04
N ILE A 300 13.03 -3.27 4.22
CA ILE A 300 12.93 -2.03 3.44
C ILE A 300 12.66 -0.84 4.35
N MET A 301 11.77 -1.00 5.32
CA MET A 301 11.51 0.12 6.24
C MET A 301 12.69 0.36 7.17
N ALA A 302 13.31 -0.70 7.69
CA ALA A 302 14.52 -0.52 8.48
C ALA A 302 15.54 0.34 7.75
N LYS A 303 15.78 0.06 6.47
CA LYS A 303 16.84 0.78 5.77
C LYS A 303 16.45 2.22 5.48
N MET A 304 15.16 2.57 5.57
CA MET A 304 14.79 3.97 5.43
C MET A 304 15.01 4.74 6.72
N PHE A 305 14.84 4.06 7.86
CA PHE A 305 15.20 4.67 9.14
C PHE A 305 16.71 4.80 9.28
N GLU A 306 17.47 3.87 8.69
CA GLU A 306 18.93 4.02 8.68
C GLU A 306 19.32 5.29 7.94
N PHE A 307 18.72 5.50 6.77
CA PHE A 307 19.04 6.68 5.97
C PHE A 307 18.87 7.95 6.80
N ILE A 308 17.71 8.08 7.45
CA ILE A 308 17.47 9.23 8.31
C ILE A 308 18.56 9.36 9.36
N HIS A 309 18.86 8.24 10.04
CA HIS A 309 19.89 8.26 11.08
C HIS A 309 21.24 8.67 10.50
N ALA A 310 21.68 7.98 9.45
CA ALA A 310 22.98 8.31 8.89
C ALA A 310 23.02 9.76 8.40
N LEU A 311 21.88 10.30 7.97
CA LEU A 311 21.83 11.68 7.50
C LEU A 311 21.91 12.69 8.64
N TYR A 312 20.84 12.80 9.45
CA TYR A 312 20.77 13.87 10.43
C TYR A 312 21.65 13.63 11.65
N VAL A 313 22.08 12.40 11.89
CA VAL A 313 22.89 12.09 13.06
C VAL A 313 24.36 11.91 12.69
N ASP A 314 24.63 11.18 11.61
CA ASP A 314 25.96 10.67 11.33
C ASP A 314 26.67 11.38 10.19
N ASN A 315 25.93 11.94 9.21
CA ASN A 315 26.52 12.34 7.93
C ASN A 315 27.40 11.25 7.34
N ASP A 316 26.92 9.99 7.39
CA ASP A 316 27.60 8.90 6.68
C ASP A 316 27.01 8.79 5.27
N ASN A 317 27.40 9.76 4.46
CA ASN A 317 26.96 9.84 3.05
C ASN A 317 27.18 8.52 2.33
N GLU A 318 28.24 7.82 2.68
CA GLU A 318 28.52 6.52 2.06
C GLU A 318 27.37 5.54 2.29
N LYS A 319 26.94 5.40 3.55
CA LYS A 319 25.76 4.60 3.83
C LYS A 319 24.54 5.16 3.11
N LEU A 320 24.37 6.49 3.14
CA LEU A 320 23.25 7.12 2.42
C LEU A 320 23.24 6.68 0.97
N ASN A 321 24.40 6.72 0.33
CA ASN A 321 24.53 6.24 -1.03
C ASN A 321 24.16 4.78 -1.15
N SER A 322 24.65 3.95 -0.21
CA SER A 322 24.38 2.52 -0.28
C SER A 322 22.89 2.23 -0.13
N ILE A 323 22.19 2.99 0.70
CA ILE A 323 20.74 2.85 0.83
C ILE A 323 20.01 3.30 -0.43
N LEU A 324 20.41 4.45 -0.99
CA LEU A 324 19.84 4.89 -2.26
C LEU A 324 19.98 3.86 -3.37
N ASN A 325 21.16 3.24 -3.48
CA ASN A 325 21.31 2.18 -4.47
C ASN A 325 20.37 1.01 -4.16
N TYR A 326 20.25 0.65 -2.89
CA TYR A 326 19.38 -0.45 -2.49
C TYR A 326 17.96 -0.18 -2.94
N LEU A 327 17.46 1.01 -2.62
CA LEU A 327 16.06 1.32 -2.90
C LEU A 327 15.81 1.33 -4.41
N GLU A 328 16.80 1.78 -5.19
CA GLU A 328 16.67 1.71 -6.63
C GLU A 328 16.61 0.26 -7.10
N LEU A 329 17.51 -0.58 -6.59
CA LEU A 329 17.43 -2.00 -6.88
C LEU A 329 16.08 -2.61 -6.49
N LYS A 330 15.40 -2.00 -5.52
CA LYS A 330 14.08 -2.40 -5.05
C LYS A 330 12.95 -1.78 -5.85
N SER A 331 13.26 -1.05 -6.93
CA SER A 331 12.24 -0.36 -7.73
C SER A 331 11.42 0.61 -6.88
N MET A 332 12.06 1.31 -5.94
CA MET A 332 11.32 2.33 -5.19
C MET A 332 11.94 3.69 -5.41
N LEU A 333 11.92 4.11 -6.67
CA LEU A 333 12.53 5.38 -7.05
C LEU A 333 11.91 6.55 -6.32
N SER A 334 10.61 6.50 -6.03
CA SER A 334 9.98 7.61 -5.31
C SER A 334 10.65 7.82 -3.95
N ASP A 335 10.96 6.74 -3.25
CA ASP A 335 11.67 6.87 -1.98
C ASP A 335 13.12 7.31 -2.20
N VAL A 336 13.76 6.83 -3.27
CA VAL A 336 15.10 7.34 -3.59
C VAL A 336 15.05 8.86 -3.70
N GLU A 337 14.13 9.36 -4.54
CA GLU A 337 14.00 10.80 -4.73
C GLU A 337 13.73 11.53 -3.42
N ASP A 338 12.81 11.00 -2.61
CA ASP A 338 12.44 11.74 -1.41
C ASP A 338 13.62 11.83 -0.45
N LEU A 339 14.35 10.71 -0.28
CA LEU A 339 15.49 10.64 0.64
C LEU A 339 16.68 11.46 0.12
N ALA A 340 17.03 11.28 -1.15
CA ALA A 340 18.09 12.12 -1.74
C ALA A 340 17.72 13.60 -1.62
N SER A 341 16.43 13.91 -1.74
CA SER A 341 15.99 15.28 -1.55
C SER A 341 16.15 15.73 -0.09
N ASP A 342 15.92 14.83 0.87
CA ASP A 342 16.18 15.23 2.25
C ASP A 342 17.65 15.53 2.47
N ALA A 343 18.52 14.68 1.92
CA ALA A 343 19.95 14.87 2.04
C ALA A 343 20.36 16.19 1.41
N ALA A 344 20.02 16.36 0.13
CA ALA A 344 20.44 17.54 -0.62
C ALA A 344 20.09 18.82 0.13
N LYS A 345 18.85 18.91 0.60
CA LYS A 345 18.37 20.06 1.35
C LYS A 345 19.15 20.26 2.65
N TYR A 346 19.25 19.22 3.48
CA TYR A 346 19.90 19.35 4.78
C TYR A 346 21.33 19.85 4.64
N TYR A 347 22.08 19.28 3.70
CA TYR A 347 23.45 19.75 3.45
C TYR A 347 23.46 21.16 2.90
N ASN A 348 22.41 21.53 2.16
CA ASN A 348 22.34 22.91 1.72
C ASN A 348 22.23 23.88 2.89
N GLU A 349 21.43 23.53 3.91
CA GLU A 349 21.38 24.37 5.10
C GLU A 349 22.72 24.42 5.80
N LYS A 350 23.40 23.29 5.89
CA LYS A 350 24.69 23.22 6.53
C LYS A 350 25.80 23.79 5.65
N GLU A 351 25.46 24.35 4.47
CA GLU A 351 26.41 25.01 3.58
C GLU A 351 27.52 24.09 3.10
N ASP A 352 27.31 22.77 3.18
CA ASP A 352 28.20 21.83 2.52
C ASP A 352 27.70 21.72 1.09
N HIS A 353 27.65 22.87 0.40
CA HIS A 353 27.07 22.98 -0.94
C HIS A 353 27.68 21.97 -1.92
N LYS A 354 28.97 21.65 -1.77
CA LYS A 354 29.62 20.66 -2.63
C LYS A 354 28.88 19.32 -2.64
N VAL A 355 28.80 18.67 -1.47
CA VAL A 355 28.09 17.40 -1.47
C VAL A 355 26.58 17.63 -1.52
N ALA A 356 26.10 18.81 -1.13
CA ALA A 356 24.70 19.14 -1.36
C ALA A 356 24.35 19.02 -2.84
N VAL A 357 25.30 19.37 -3.71
CA VAL A 357 25.10 19.18 -5.15
C VAL A 357 24.94 17.70 -5.47
N ALA A 358 25.79 16.85 -4.88
CA ALA A 358 25.76 15.42 -5.21
C ALA A 358 24.37 14.82 -5.06
N TYR A 359 23.65 15.20 -4.02
CA TYR A 359 22.33 14.63 -3.78
C TYR A 359 21.27 15.30 -4.64
N TYR A 360 21.44 16.59 -4.94
CA TYR A 360 20.56 17.21 -5.91
C TYR A 360 20.62 16.45 -7.24
N GLU A 361 21.82 16.06 -7.67
CA GLU A 361 21.91 15.27 -8.90
C GLU A 361 21.19 13.94 -8.77
N LYS A 362 21.40 13.22 -7.66
CA LYS A 362 20.67 11.98 -7.46
C LYS A 362 19.16 12.21 -7.58
N VAL A 363 18.66 13.35 -7.07
CA VAL A 363 17.24 13.62 -7.22
C VAL A 363 16.89 13.73 -8.70
N LEU A 364 17.74 14.40 -9.46
CA LEU A 364 17.52 14.52 -10.90
C LEU A 364 17.49 13.14 -11.54
N TYR A 365 18.40 12.26 -11.13
CA TYR A 365 18.52 10.94 -11.70
C TYR A 365 17.27 10.11 -11.41
N ALA A 366 16.80 10.14 -10.16
CA ALA A 366 15.58 9.41 -9.81
C ALA A 366 14.36 9.96 -10.57
N ARG A 367 14.24 11.29 -10.66
CA ARG A 367 13.13 11.85 -11.40
C ARG A 367 13.15 11.40 -12.85
N LYS A 368 14.33 11.36 -13.46
CA LYS A 368 14.47 10.90 -14.85
C LYS A 368 14.09 9.43 -14.98
N GLN A 369 14.59 8.59 -14.08
CA GLN A 369 14.27 7.17 -14.14
C GLN A 369 12.78 6.95 -14.05
N ILE A 370 12.11 7.68 -13.16
CA ILE A 370 10.65 7.59 -13.01
C ILE A 370 9.95 7.85 -14.34
N GLN A 371 10.51 8.73 -15.19
CA GLN A 371 9.79 9.14 -16.40
C GLN A 371 9.83 8.05 -17.47
N ARG A 372 10.94 7.34 -17.59
CA ARG A 372 11.12 6.31 -18.60
C ARG A 372 9.99 5.26 -18.63
N ARG B 1 8.15 9.55 1.96
CA ARG B 1 7.51 8.23 1.97
C ARG B 1 6.21 8.25 1.19
N ARG B 2 5.88 7.15 0.50
CA ARG B 2 4.61 7.08 -0.17
C ARG B 2 3.47 7.27 0.83
N GLY B 3 2.38 7.88 0.38
CA GLY B 3 1.19 7.92 1.20
C GLY B 3 0.63 6.53 1.42
N HIS B 4 -0.35 6.44 2.31
CA HIS B 4 -1.10 5.19 2.49
C HIS B 4 -2.20 5.11 1.45
N THR B 5 -2.21 4.02 0.69
CA THR B 5 -3.18 3.82 -0.37
C THR B 5 -4.16 2.70 -0.06
N ALA B 6 -4.13 2.18 1.17
CA ALA B 6 -5.03 1.06 1.52
C ALA B 6 -5.64 1.31 2.89
C1 A1H22 C . 17.11 -7.08 -4.46
C2 A1H22 C . 15.75 -6.50 -4.72
C3 A1H22 C . 13.56 -6.99 -5.63
C4 A1H22 C . 12.47 -7.44 -4.69
C5 A1H22 C . 12.69 -6.99 -3.26
C8 A1H22 C . 11.86 -7.08 -0.99
C9 A1H22 C . 12.98 -7.88 -0.38
O1 A1H22 C . 18.00 -6.24 -3.74
O2 A1H22 C . 14.87 -7.45 -5.30
O5 A1H22 C . 11.66 -7.42 -2.35
O6 A1H22 C . 13.46 -7.34 0.85
#